data_1NVR
#
_entry.id   1NVR
#
_cell.length_a   45.037
_cell.length_b   65.869
_cell.length_c   58.235
_cell.angle_alpha   90.00
_cell.angle_beta   94.11
_cell.angle_gamma   90.00
#
_symmetry.space_group_name_H-M   'P 1 21 1'
#
loop_
_entity.id
_entity.type
_entity.pdbx_description
1 polymer 'Serine/threonine-protein kinase Chk1'
2 polymer 'Peptide ASVSA'
3 non-polymer 'SULFATE ION'
4 non-polymer STAUROSPORINE
5 water water
#
loop_
_entity_poly.entity_id
_entity_poly.type
_entity_poly.pdbx_seq_one_letter_code
_entity_poly.pdbx_strand_id
1 'polypeptide(L)'
;MAVPFVEDWDLVQTLGEGAYGEVQLAVNRVTEEAVAVKIVDMKRAVDCPENIKKEICINKMLNHENVVKFYGHRREGNIQ
YLFLEYCSGGELFDRIEPDIGMPEPDAQRFFHQLMAGVVYLHGIGITHRDIKPENLLLDERDNLKISDFGLATVFRYNNR
ERLLNKMCGTLPYVAPELLKRREFHAEPVDVWSCGIVLTAMLAGELPWDQPSDSCQEYSDWKEKKTYLNPWKKIDSAPLA
LLHKILVENPSARITIPDIKKDRWYNKPLKKGAKRPRVTSGGVSESPSG
;
A
2 'polypeptide(L)' ASVSA B
#
loop_
_chem_comp.id
_chem_comp.type
_chem_comp.name
_chem_comp.formula
SO4 non-polymer 'SULFATE ION' 'O4 S -2'
STU non-polymer STAUROSPORINE 'C28 H26 N4 O3'
#
# COMPACT_ATOMS: atom_id res chain seq x y z
N VAL A 3 0.91 -21.94 -31.08
CA VAL A 3 2.36 -21.62 -30.97
C VAL A 3 3.01 -22.41 -29.82
N PRO A 4 3.91 -23.34 -30.16
CA PRO A 4 4.52 -24.08 -29.05
C PRO A 4 5.41 -23.24 -28.12
N PHE A 5 5.52 -23.69 -26.87
CA PHE A 5 6.38 -23.06 -25.86
C PHE A 5 5.88 -21.75 -25.24
N VAL A 6 4.79 -21.16 -25.75
CA VAL A 6 4.33 -19.89 -25.20
C VAL A 6 3.83 -19.96 -23.75
N GLU A 7 3.67 -21.15 -23.21
CA GLU A 7 3.22 -21.29 -21.83
C GLU A 7 4.37 -21.61 -20.87
N ASP A 8 5.59 -21.52 -21.39
CA ASP A 8 6.78 -21.77 -20.59
C ASP A 8 7.39 -20.46 -20.09
N TRP A 9 7.71 -20.43 -18.81
CA TRP A 9 8.30 -19.26 -18.20
C TRP A 9 9.55 -19.66 -17.41
N ASP A 10 10.61 -18.90 -17.57
CA ASP A 10 11.80 -19.17 -16.81
C ASP A 10 11.79 -18.23 -15.60
N LEU A 11 12.10 -18.77 -14.44
CA LEU A 11 12.18 -17.97 -13.20
C LEU A 11 13.62 -17.48 -13.14
N VAL A 12 13.82 -16.19 -13.35
CA VAL A 12 15.17 -15.65 -13.41
C VAL A 12 15.72 -14.85 -12.27
N GLN A 13 14.88 -14.46 -11.32
CA GLN A 13 15.38 -13.63 -10.23
C GLN A 13 14.42 -13.65 -9.04
N THR A 14 14.97 -13.64 -7.84
CA THR A 14 14.12 -13.64 -6.67
C THR A 14 13.75 -12.19 -6.34
N LEU A 15 12.47 -11.88 -6.38
CA LEU A 15 12.01 -10.52 -6.06
C LEU A 15 11.86 -10.36 -4.55
N GLY A 16 11.42 -11.41 -3.88
CA GLY A 16 11.23 -11.37 -2.45
C GLY A 16 11.11 -12.79 -1.91
N GLU A 17 11.65 -13.03 -0.71
CA GLU A 17 11.58 -14.34 -0.07
C GLU A 17 11.32 -14.14 1.40
N GLY A 18 10.38 -14.89 1.96
CA GLY A 18 10.11 -14.76 3.38
C GLY A 18 9.27 -15.92 3.91
N ALA A 19 9.15 -15.99 5.24
CA ALA A 19 8.34 -17.02 5.89
C ALA A 19 6.90 -16.84 5.41
N TYR A 20 6.66 -17.21 4.16
CA TYR A 20 5.34 -17.10 3.53
C TYR A 20 5.49 -17.65 2.09
N GLY A 21 6.73 -17.81 1.65
CA GLY A 21 6.98 -18.32 0.31
C GLY A 21 7.95 -17.43 -0.44
N GLU A 22 7.73 -17.24 -1.74
CA GLU A 22 8.61 -16.37 -2.50
C GLU A 22 7.94 -15.81 -3.73
N VAL A 23 8.53 -14.74 -4.24
CA VAL A 23 8.06 -14.06 -5.44
C VAL A 23 9.25 -14.04 -6.40
N GLN A 24 9.05 -14.60 -7.59
CA GLN A 24 10.10 -14.67 -8.60
C GLN A 24 9.69 -13.88 -9.86
N LEU A 25 10.69 -13.36 -10.57
CA LEU A 25 10.46 -12.67 -11.83
C LEU A 25 10.45 -13.78 -12.86
N ALA A 26 9.38 -13.89 -13.64
CA ALA A 26 9.32 -14.94 -14.66
C ALA A 26 9.37 -14.30 -16.03
N VAL A 27 10.11 -14.91 -16.96
CA VAL A 27 10.22 -14.35 -18.30
C VAL A 27 9.74 -15.40 -19.28
N ASN A 28 8.82 -15.01 -20.16
CA ASN A 28 8.25 -15.95 -21.09
C ASN A 28 9.30 -16.46 -22.12
N ARG A 29 9.38 -17.77 -22.26
CA ARG A 29 10.37 -18.40 -23.15
C ARG A 29 10.27 -17.92 -24.61
N VAL A 30 9.07 -17.61 -25.04
CA VAL A 30 8.88 -17.16 -26.39
C VAL A 30 8.79 -15.64 -26.54
N THR A 31 7.92 -15.00 -25.76
CA THR A 31 7.72 -13.58 -25.92
C THR A 31 8.63 -12.66 -25.16
N GLU A 32 9.29 -13.21 -24.14
CA GLU A 32 10.17 -12.47 -23.23
C GLU A 32 9.36 -11.50 -22.34
N GLU A 33 8.05 -11.70 -22.28
CA GLU A 33 7.18 -10.89 -21.41
C GLU A 33 7.60 -11.22 -19.97
N ALA A 34 7.61 -10.19 -19.11
CA ALA A 34 8.00 -10.40 -17.71
C ALA A 34 6.79 -10.31 -16.79
N VAL A 35 6.65 -11.27 -15.88
CA VAL A 35 5.55 -11.24 -14.91
C VAL A 35 6.13 -11.67 -13.57
N ALA A 36 5.47 -11.31 -12.48
CA ALA A 36 5.94 -11.75 -11.17
C ALA A 36 5.13 -13.00 -10.82
N VAL A 37 5.77 -13.97 -10.20
CA VAL A 37 5.02 -15.17 -9.86
C VAL A 37 5.14 -15.39 -8.38
N LYS A 38 4.03 -15.36 -7.67
CA LYS A 38 4.08 -15.61 -6.23
C LYS A 38 3.94 -17.14 -6.07
N ILE A 39 4.87 -17.74 -5.33
CA ILE A 39 4.86 -19.19 -5.12
C ILE A 39 4.65 -19.51 -3.64
N VAL A 40 3.61 -20.27 -3.35
CA VAL A 40 3.29 -20.62 -1.96
C VAL A 40 3.11 -22.11 -1.72
N ASP A 41 3.81 -22.64 -0.72
CA ASP A 41 3.69 -24.05 -0.38
C ASP A 41 2.49 -24.12 0.53
N MET A 42 1.41 -24.70 0.05
CA MET A 42 0.21 -24.77 0.87
C MET A 42 0.33 -25.63 2.14
N LYS A 43 1.55 -26.05 2.48
CA LYS A 43 1.75 -26.88 3.67
C LYS A 43 2.10 -26.01 4.88
N ASN A 51 -7.12 -18.98 3.30
CA ASN A 51 -6.17 -17.83 3.18
C ASN A 51 -5.82 -17.59 1.71
N ILE A 52 -5.25 -18.62 1.08
CA ILE A 52 -4.86 -18.54 -0.31
C ILE A 52 -6.08 -18.32 -1.18
N LYS A 53 -7.12 -19.09 -0.90
CA LYS A 53 -8.35 -18.99 -1.67
C LYS A 53 -8.90 -17.57 -1.61
N LYS A 54 -8.78 -16.95 -0.43
CA LYS A 54 -9.29 -15.59 -0.24
C LYS A 54 -8.47 -14.55 -0.98
N GLU A 55 -7.14 -14.62 -0.89
CA GLU A 55 -6.29 -13.66 -1.59
C GLU A 55 -6.59 -13.78 -3.10
N ILE A 56 -6.72 -15.01 -3.58
CA ILE A 56 -7.00 -15.18 -5.00
C ILE A 56 -8.36 -14.57 -5.36
N CYS A 57 -9.35 -14.84 -4.54
CA CYS A 57 -10.67 -14.31 -4.78
C CYS A 57 -10.61 -12.77 -4.88
N ILE A 58 -9.90 -12.15 -3.94
CA ILE A 58 -9.80 -10.70 -3.96
C ILE A 58 -8.98 -10.20 -5.14
N ASN A 59 -7.89 -10.87 -5.44
CA ASN A 59 -7.06 -10.46 -6.58
C ASN A 59 -7.82 -10.50 -7.92
N LYS A 60 -8.77 -11.43 -8.04
CA LYS A 60 -9.55 -11.52 -9.28
C LYS A 60 -10.43 -10.29 -9.50
N MET A 61 -10.77 -9.59 -8.42
CA MET A 61 -11.60 -8.40 -8.55
C MET A 61 -10.80 -7.15 -8.94
N LEU A 62 -9.48 -7.19 -8.91
CA LEU A 62 -8.72 -5.95 -9.13
C LEU A 62 -8.35 -5.55 -10.55
N ASN A 63 -8.90 -4.42 -10.98
CA ASN A 63 -8.65 -3.90 -12.32
C ASN A 63 -8.48 -2.39 -12.28
N HIS A 64 -7.27 -1.92 -12.01
CA HIS A 64 -7.06 -0.49 -11.93
C HIS A 64 -5.58 -0.21 -12.17
N GLU A 65 -5.27 0.91 -12.81
CA GLU A 65 -3.88 1.26 -13.12
C GLU A 65 -2.92 1.43 -11.93
N ASN A 66 -3.44 1.60 -10.72
CA ASN A 66 -2.57 1.75 -9.54
C ASN A 66 -2.68 0.58 -8.54
N VAL A 67 -3.08 -0.58 -9.04
CA VAL A 67 -3.17 -1.80 -8.23
C VAL A 67 -2.57 -2.92 -9.09
N VAL A 68 -1.70 -3.74 -8.49
CA VAL A 68 -1.10 -4.86 -9.24
C VAL A 68 -2.16 -5.77 -9.81
N LYS A 69 -2.08 -6.01 -11.11
CA LYS A 69 -3.06 -6.85 -11.78
C LYS A 69 -2.74 -8.34 -11.55
N PHE A 70 -3.78 -9.16 -11.42
CA PHE A 70 -3.71 -10.61 -11.22
C PHE A 70 -4.06 -11.27 -12.56
N TYR A 71 -3.18 -12.12 -13.07
CA TYR A 71 -3.43 -12.76 -14.36
C TYR A 71 -4.08 -14.13 -14.25
N GLY A 72 -3.85 -14.81 -13.14
CA GLY A 72 -4.43 -16.11 -12.95
C GLY A 72 -3.54 -16.95 -12.09
N HIS A 73 -3.95 -18.18 -11.84
CA HIS A 73 -3.14 -19.03 -11.01
C HIS A 73 -3.21 -20.45 -11.51
N ARG A 74 -2.31 -21.26 -11.00
CA ARG A 74 -2.22 -22.66 -11.38
C ARG A 74 -1.61 -23.38 -10.19
N ARG A 75 -2.07 -24.59 -9.91
CA ARG A 75 -1.44 -25.29 -8.83
C ARG A 75 -1.03 -26.66 -9.29
N GLU A 76 -0.04 -27.21 -8.62
CA GLU A 76 0.45 -28.53 -8.93
C GLU A 76 0.66 -29.12 -7.56
N GLY A 77 -0.37 -29.83 -7.09
CA GLY A 77 -0.29 -30.44 -5.79
C GLY A 77 -0.44 -29.46 -4.64
N ASN A 78 0.65 -29.29 -3.91
CA ASN A 78 0.68 -28.42 -2.74
C ASN A 78 1.21 -27.01 -3.02
N ILE A 79 1.65 -26.76 -4.25
CA ILE A 79 2.19 -25.45 -4.57
C ILE A 79 1.25 -24.66 -5.47
N GLN A 80 1.03 -23.40 -5.10
CA GLN A 80 0.17 -22.50 -5.86
C GLN A 80 1.07 -21.49 -6.54
N TYR A 81 0.79 -21.19 -7.81
CA TYR A 81 1.56 -20.20 -8.56
C TYR A 81 0.64 -19.07 -8.97
N LEU A 82 0.83 -17.90 -8.39
CA LEU A 82 -0.02 -16.76 -8.76
C LEU A 82 0.77 -15.85 -9.72
N PHE A 83 0.20 -15.58 -10.90
CA PHE A 83 0.82 -14.74 -11.92
C PHE A 83 0.29 -13.32 -11.73
N LEU A 84 1.22 -12.39 -11.50
CA LEU A 84 0.92 -10.98 -11.22
C LEU A 84 1.70 -10.01 -12.07
N GLU A 85 1.12 -8.82 -12.27
CA GLU A 85 1.80 -7.78 -13.03
C GLU A 85 3.19 -7.46 -12.40
N TYR A 86 4.22 -7.36 -13.20
CA TYR A 86 5.57 -7.08 -12.71
C TYR A 86 5.87 -5.60 -12.65
N CYS A 87 6.39 -5.16 -11.51
CA CYS A 87 6.71 -3.75 -11.29
C CYS A 87 8.22 -3.62 -11.22
N SER A 88 8.85 -3.31 -12.36
CA SER A 88 10.32 -3.29 -12.37
C SER A 88 10.99 -2.22 -11.54
N GLY A 89 10.24 -1.19 -11.16
CA GLY A 89 10.84 -0.15 -10.33
C GLY A 89 11.04 -0.52 -8.87
N GLY A 90 10.49 -1.66 -8.42
CA GLY A 90 10.70 -2.06 -7.05
C GLY A 90 9.86 -1.32 -6.03
N GLU A 91 10.27 -1.35 -4.76
CA GLU A 91 9.52 -0.74 -3.68
C GLU A 91 9.64 0.76 -3.60
N LEU A 92 8.52 1.41 -3.26
CA LEU A 92 8.52 2.86 -3.06
C LEU A 92 9.47 3.12 -1.90
N PHE A 93 9.55 2.17 -0.97
CA PHE A 93 10.43 2.28 0.21
C PHE A 93 11.87 2.65 -0.19
N ASP A 94 12.37 2.06 -1.28
CA ASP A 94 13.73 2.34 -1.74
C ASP A 94 13.96 3.71 -2.40
N ARG A 95 12.91 4.51 -2.59
CA ARG A 95 13.06 5.86 -3.16
C ARG A 95 13.04 6.87 -2.01
N ILE A 96 12.86 6.37 -0.79
CA ILE A 96 12.85 7.25 0.35
C ILE A 96 14.22 7.32 0.96
N GLU A 97 14.80 8.51 0.98
CA GLU A 97 16.13 8.67 1.56
C GLU A 97 16.03 8.78 3.08
N PRO A 98 16.73 7.89 3.79
CA PRO A 98 16.66 7.95 5.25
C PRO A 98 16.94 9.34 5.82
N ASP A 99 16.03 9.79 6.68
CA ASP A 99 16.08 11.07 7.37
C ASP A 99 15.95 12.31 6.50
N ILE A 100 15.71 12.08 5.21
CA ILE A 100 15.54 13.14 4.23
C ILE A 100 14.15 13.09 3.53
N GLY A 101 13.79 11.92 3.04
CA GLY A 101 12.50 11.79 2.34
C GLY A 101 12.79 11.82 0.85
N MET A 102 12.03 12.63 0.12
CA MET A 102 12.22 12.77 -1.30
C MET A 102 11.69 14.16 -1.69
N PRO A 103 11.93 14.57 -2.93
CA PRO A 103 11.44 15.90 -3.36
C PRO A 103 9.95 15.95 -3.19
N GLU A 104 9.45 17.05 -2.66
CA GLU A 104 8.01 17.17 -2.43
C GLU A 104 7.13 16.91 -3.65
N PRO A 105 7.54 17.38 -4.85
CA PRO A 105 6.67 17.12 -6.01
C PRO A 105 6.54 15.63 -6.32
N ASP A 106 7.63 14.90 -6.13
CA ASP A 106 7.61 13.46 -6.38
C ASP A 106 6.67 12.79 -5.37
N ALA A 107 6.78 13.20 -4.10
CA ALA A 107 5.91 12.66 -3.05
C ALA A 107 4.46 13.00 -3.40
N GLN A 108 4.21 14.22 -3.86
CA GLN A 108 2.83 14.55 -4.20
C GLN A 108 2.28 13.65 -5.31
N ARG A 109 3.10 13.41 -6.33
CA ARG A 109 2.65 12.55 -7.44
C ARG A 109 2.38 11.13 -6.93
N PHE A 110 3.31 10.58 -6.15
CA PHE A 110 3.08 9.23 -5.60
C PHE A 110 1.82 9.23 -4.72
N PHE A 111 1.62 10.30 -3.94
CA PHE A 111 0.44 10.38 -3.09
C PHE A 111 -0.87 10.43 -3.90
N HIS A 112 -0.88 11.18 -5.00
CA HIS A 112 -2.04 11.20 -5.90
C HIS A 112 -2.35 9.77 -6.44
N GLN A 113 -1.30 9.03 -6.81
CA GLN A 113 -1.52 7.68 -7.35
C GLN A 113 -2.00 6.68 -6.27
N LEU A 114 -1.45 6.85 -5.08
CA LEU A 114 -1.88 6.02 -3.96
C LEU A 114 -3.37 6.30 -3.68
N MET A 115 -3.77 7.56 -3.67
CA MET A 115 -5.17 7.87 -3.40
C MET A 115 -6.07 7.28 -4.49
N ALA A 116 -5.61 7.33 -5.75
CA ALA A 116 -6.43 6.79 -6.83
C ALA A 116 -6.66 5.32 -6.63
N GLY A 117 -5.60 4.63 -6.23
CA GLY A 117 -5.68 3.20 -5.99
C GLY A 117 -6.57 2.91 -4.77
N VAL A 118 -6.44 3.70 -3.69
CA VAL A 118 -7.27 3.43 -2.51
C VAL A 118 -8.75 3.74 -2.81
N VAL A 119 -9.02 4.85 -3.50
CA VAL A 119 -10.41 5.19 -3.88
C VAL A 119 -11.01 4.04 -4.65
N TYR A 120 -10.22 3.49 -5.57
CA TYR A 120 -10.70 2.35 -6.36
C TYR A 120 -11.05 1.15 -5.47
N LEU A 121 -10.13 0.76 -4.59
CA LEU A 121 -10.36 -0.36 -3.72
C LEU A 121 -11.60 -0.14 -2.83
N HIS A 122 -11.66 1.03 -2.23
CA HIS A 122 -12.80 1.29 -1.35
C HIS A 122 -14.10 1.27 -2.15
N GLY A 123 -14.03 1.72 -3.40
CA GLY A 123 -15.21 1.74 -4.27
C GLY A 123 -15.74 0.34 -4.55
N ILE A 124 -14.86 -0.65 -4.58
CA ILE A 124 -15.34 -2.01 -4.76
C ILE A 124 -15.46 -2.77 -3.44
N GLY A 125 -15.40 -2.04 -2.32
CA GLY A 125 -15.60 -2.65 -1.02
C GLY A 125 -14.46 -3.44 -0.42
N ILE A 126 -13.24 -3.18 -0.90
CA ILE A 126 -12.10 -3.88 -0.38
C ILE A 126 -11.21 -2.95 0.44
N THR A 127 -10.75 -3.44 1.61
CA THR A 127 -9.72 -2.64 2.36
C THR A 127 -8.42 -3.46 2.33
N HIS A 128 -7.31 -2.76 2.09
CA HIS A 128 -6.02 -3.44 1.96
C HIS A 128 -5.44 -3.85 3.34
N ARG A 129 -5.55 -2.94 4.31
CA ARG A 129 -5.13 -3.16 5.71
C ARG A 129 -3.65 -3.20 6.04
N ASP A 130 -2.81 -3.03 5.04
CA ASP A 130 -1.37 -3.02 5.30
C ASP A 130 -0.66 -2.11 4.33
N ILE A 131 -1.19 -0.91 4.14
CA ILE A 131 -0.54 0.05 3.24
C ILE A 131 0.75 0.60 3.91
N LYS A 132 1.87 0.51 3.21
CA LYS A 132 3.15 1.01 3.71
C LYS A 132 4.05 1.01 2.47
N PRO A 133 5.12 1.80 2.48
CA PRO A 133 6.01 1.88 1.31
C PRO A 133 6.58 0.59 0.78
N GLU A 134 6.74 -0.41 1.64
CA GLU A 134 7.28 -1.67 1.18
C GLU A 134 6.29 -2.47 0.34
N ASN A 135 4.99 -2.12 0.41
CA ASN A 135 3.94 -2.82 -0.34
C ASN A 135 3.41 -1.98 -1.52
N LEU A 136 4.01 -0.81 -1.74
CA LEU A 136 3.63 0.08 -2.85
C LEU A 136 4.79 -0.05 -3.84
N LEU A 137 4.52 -0.69 -4.96
CA LEU A 137 5.55 -0.96 -5.99
C LEU A 137 5.48 0.06 -7.10
N LEU A 138 6.54 0.11 -7.93
CA LEU A 138 6.62 1.11 -9.00
C LEU A 138 6.89 0.42 -10.34
N ASP A 139 6.21 0.83 -11.41
CA ASP A 139 6.49 0.21 -12.71
C ASP A 139 7.65 0.94 -13.36
N GLU A 140 7.95 0.63 -14.62
CA GLU A 140 9.11 1.27 -15.26
C GLU A 140 9.02 2.77 -15.48
N ARG A 141 7.82 3.33 -15.39
CA ARG A 141 7.62 4.78 -15.54
C ARG A 141 7.33 5.39 -14.15
N ASP A 142 7.69 4.66 -13.11
CA ASP A 142 7.47 5.13 -11.75
C ASP A 142 6.03 5.34 -11.38
N ASN A 143 5.16 4.56 -11.98
CA ASN A 143 3.75 4.60 -11.59
C ASN A 143 3.60 3.68 -10.39
N LEU A 144 2.91 4.15 -9.36
CA LEU A 144 2.69 3.38 -8.14
C LEU A 144 1.63 2.29 -8.28
N LYS A 145 1.86 1.15 -7.63
CA LYS A 145 0.94 0.03 -7.77
C LYS A 145 0.80 -0.61 -6.41
N ILE A 146 -0.40 -0.63 -5.87
CA ILE A 146 -0.65 -1.23 -4.55
C ILE A 146 -0.53 -2.73 -4.73
N SER A 147 0.20 -3.40 -3.83
CA SER A 147 0.39 -4.84 -3.97
C SER A 147 0.26 -5.58 -2.64
N ASP A 148 0.24 -6.91 -2.71
CA ASP A 148 0.12 -7.82 -1.57
C ASP A 148 -1.21 -7.69 -0.83
N PHE A 149 -2.20 -8.44 -1.29
CA PHE A 149 -3.54 -8.43 -0.73
C PHE A 149 -3.77 -9.57 0.24
N GLY A 150 -2.67 -10.02 0.82
CA GLY A 150 -2.69 -11.13 1.79
C GLY A 150 -3.45 -10.79 3.06
N LEU A 151 -3.60 -9.51 3.38
CA LEU A 151 -4.33 -9.10 4.58
C LEU A 151 -5.65 -8.40 4.25
N ALA A 152 -5.91 -8.24 2.96
CA ALA A 152 -7.08 -7.52 2.49
C ALA A 152 -8.39 -8.26 2.79
N THR A 153 -9.48 -7.51 2.87
CA THR A 153 -10.76 -8.15 3.13
C THR A 153 -11.87 -7.26 2.59
N VAL A 154 -13.07 -7.84 2.47
CA VAL A 154 -14.25 -7.11 2.01
C VAL A 154 -14.90 -6.42 3.21
N PHE A 155 -15.13 -5.13 3.10
CA PHE A 155 -15.77 -4.42 4.18
C PHE A 155 -17.16 -3.89 3.74
N ARG A 156 -17.50 -4.06 2.46
CA ARG A 156 -18.83 -3.60 1.99
C ARG A 156 -19.28 -4.63 1.00
N TYR A 157 -20.49 -5.12 1.18
CA TYR A 157 -21.01 -6.14 0.27
C TYR A 157 -22.52 -5.95 0.20
N ASN A 158 -23.07 -5.94 -1.00
CA ASN A 158 -24.52 -5.70 -1.19
C ASN A 158 -24.92 -4.36 -0.55
N ASN A 159 -24.00 -3.40 -0.65
CA ASN A 159 -24.18 -2.05 -0.15
C ASN A 159 -24.31 -1.94 1.37
N ARG A 160 -23.84 -2.97 2.07
CA ARG A 160 -23.91 -2.95 3.50
C ARG A 160 -22.49 -3.02 4.06
N GLU A 161 -22.15 -2.06 4.90
CA GLU A 161 -20.83 -2.03 5.51
C GLU A 161 -20.68 -3.00 6.70
N ARG A 162 -19.53 -3.68 6.74
CA ARG A 162 -19.21 -4.57 7.84
C ARG A 162 -18.13 -3.89 8.71
N LEU A 163 -18.37 -3.77 10.00
CA LEU A 163 -17.36 -3.21 10.89
C LEU A 163 -16.25 -4.26 11.06
N LEU A 164 -15.00 -3.81 11.15
CA LEU A 164 -13.90 -4.73 11.32
C LEU A 164 -13.53 -4.85 12.80
N ASN A 165 -12.89 -5.94 13.16
CA ASN A 165 -12.42 -6.12 14.54
C ASN A 165 -11.05 -6.84 14.55
N LYS A 166 -10.60 -7.33 13.42
CA LYS A 166 -9.29 -7.98 13.44
C LYS A 166 -8.17 -6.95 13.50
N MET A 167 -7.24 -7.17 14.43
CA MET A 167 -6.09 -6.32 14.55
C MET A 167 -5.04 -6.86 13.59
N CYS A 168 -4.74 -6.09 12.56
CA CYS A 168 -3.70 -6.49 11.64
C CYS A 168 -3.10 -5.25 11.01
N GLY A 169 -1.99 -5.47 10.33
CA GLY A 169 -1.27 -4.36 9.71
C GLY A 169 0.17 -4.35 10.23
N THR A 170 0.74 -3.16 10.31
CA THR A 170 2.14 -3.00 10.73
C THR A 170 2.06 -1.85 11.72
N LEU A 171 2.43 -2.07 12.97
CA LEU A 171 2.27 -1.07 14.02
C LEU A 171 2.53 0.44 13.72
N PRO A 172 3.68 0.78 13.16
CA PRO A 172 3.93 2.20 12.88
C PRO A 172 2.89 2.83 11.92
N TYR A 173 2.26 1.98 11.10
CA TYR A 173 1.28 2.46 10.10
C TYR A 173 -0.18 2.32 10.52
N VAL A 174 -0.41 1.69 11.65
CA VAL A 174 -1.76 1.37 12.04
C VAL A 174 -2.48 2.54 12.72
N ALA A 175 -3.78 2.68 12.46
CA ALA A 175 -4.58 3.76 13.09
C ALA A 175 -4.83 3.48 14.60
N PRO A 176 -4.94 4.53 15.43
CA PRO A 176 -5.14 4.37 16.88
C PRO A 176 -6.34 3.56 17.30
N GLU A 177 -7.42 3.66 16.51
CA GLU A 177 -8.63 2.94 16.88
C GLU A 177 -8.40 1.40 16.87
N LEU A 178 -7.48 0.89 16.05
CA LEU A 178 -7.27 -0.56 16.11
C LEU A 178 -6.65 -1.01 17.43
N LEU A 179 -5.99 -0.09 18.13
CA LEU A 179 -5.36 -0.47 19.39
C LEU A 179 -6.23 -0.12 20.58
N LYS A 180 -7.28 0.66 20.35
CA LYS A 180 -8.13 1.15 21.43
C LYS A 180 -9.58 0.71 21.40
N ARG A 181 -10.08 0.31 20.23
CA ARG A 181 -11.49 -0.07 20.13
C ARG A 181 -11.73 -1.50 19.71
N ARG A 182 -12.84 -2.07 20.14
CA ARG A 182 -13.14 -3.44 19.75
C ARG A 182 -13.51 -3.54 18.25
N GLU A 183 -14.30 -2.59 17.74
CA GLU A 183 -14.70 -2.59 16.32
C GLU A 183 -14.43 -1.23 15.75
N PHE A 184 -14.26 -1.16 14.43
CA PHE A 184 -13.99 0.12 13.78
C PHE A 184 -14.27 0.03 12.30
N HIS A 185 -14.53 1.19 11.71
CA HIS A 185 -14.79 1.30 10.29
C HIS A 185 -13.49 1.04 9.50
N ALA A 186 -13.63 0.40 8.34
CA ALA A 186 -12.44 0.10 7.57
C ALA A 186 -11.75 1.27 6.88
N GLU A 187 -12.52 2.14 6.26
CA GLU A 187 -11.93 3.16 5.43
C GLU A 187 -11.00 4.15 6.14
N PRO A 188 -11.40 4.65 7.30
CA PRO A 188 -10.47 5.59 7.96
C PRO A 188 -9.16 4.94 8.30
N VAL A 189 -9.14 3.61 8.49
CA VAL A 189 -7.89 2.95 8.83
C VAL A 189 -6.91 3.00 7.67
N ASP A 190 -7.40 2.79 6.45
CA ASP A 190 -6.46 2.86 5.33
C ASP A 190 -6.06 4.33 5.10
N VAL A 191 -6.96 5.28 5.38
CA VAL A 191 -6.62 6.68 5.17
C VAL A 191 -5.47 7.07 6.09
N TRP A 192 -5.48 6.55 7.32
CA TRP A 192 -4.44 6.85 8.29
C TRP A 192 -3.12 6.34 7.78
N SER A 193 -3.09 5.09 7.33
CA SER A 193 -1.88 4.49 6.80
C SER A 193 -1.30 5.35 5.67
N CYS A 194 -2.16 5.85 4.78
CA CYS A 194 -1.68 6.71 3.65
C CYS A 194 -1.05 8.00 4.24
N GLY A 195 -1.59 8.52 5.34
CA GLY A 195 -0.95 9.67 5.98
C GLY A 195 0.47 9.33 6.51
N ILE A 196 0.65 8.15 7.08
CA ILE A 196 1.98 7.78 7.56
C ILE A 196 2.92 7.60 6.37
N VAL A 197 2.41 7.03 5.28
CA VAL A 197 3.27 6.90 4.10
C VAL A 197 3.68 8.31 3.65
N LEU A 198 2.73 9.25 3.68
CA LEU A 198 3.07 10.61 3.25
C LEU A 198 4.16 11.22 4.16
N THR A 199 4.00 11.02 5.45
CA THR A 199 5.03 11.49 6.38
C THR A 199 6.42 10.94 6.03
N ALA A 200 6.49 9.62 5.81
CA ALA A 200 7.73 8.94 5.44
C ALA A 200 8.31 9.48 4.16
N MET A 201 7.47 9.70 3.16
CA MET A 201 8.00 10.24 1.88
C MET A 201 8.55 11.66 2.07
N LEU A 202 7.93 12.45 2.94
CA LEU A 202 8.39 13.83 3.10
C LEU A 202 9.46 14.06 4.19
N ALA A 203 9.68 13.07 5.06
CA ALA A 203 10.66 13.29 6.16
C ALA A 203 11.71 12.20 6.26
N GLY A 204 11.48 11.12 5.51
CA GLY A 204 12.43 10.03 5.54
C GLY A 204 12.48 9.32 6.89
N GLU A 205 11.45 9.51 7.71
CA GLU A 205 11.38 8.84 9.01
C GLU A 205 9.93 8.65 9.45
N LEU A 206 9.66 7.64 10.27
CA LEU A 206 8.28 7.39 10.75
C LEU A 206 8.12 8.15 12.05
N PRO A 207 6.96 8.77 12.25
CA PRO A 207 6.70 9.58 13.45
C PRO A 207 6.65 8.88 14.81
N TRP A 208 6.19 7.64 14.85
CA TRP A 208 6.15 6.90 16.13
C TRP A 208 6.19 5.40 15.94
N ASP A 209 6.57 4.67 17.00
CA ASP A 209 6.58 3.22 16.95
C ASP A 209 5.13 2.69 16.83
N GLN A 210 4.21 3.41 17.44
CA GLN A 210 2.78 3.07 17.40
C GLN A 210 1.96 4.24 17.92
N PRO A 211 0.72 4.39 17.45
CA PRO A 211 -0.08 5.53 17.93
C PRO A 211 -0.83 5.31 19.24
N SER A 212 -0.06 5.20 20.33
CA SER A 212 -0.69 5.00 21.64
C SER A 212 -0.25 6.11 22.59
N ASP A 213 -1.07 6.41 23.57
CA ASP A 213 -0.72 7.46 24.51
C ASP A 213 0.56 7.13 25.27
N SER A 214 0.89 5.85 25.34
CA SER A 214 2.13 5.46 26.01
C SER A 214 3.36 5.82 25.15
N CYS A 215 3.15 6.16 23.88
CA CYS A 215 4.26 6.50 23.00
C CYS A 215 4.47 8.03 23.01
N GLN A 216 5.63 8.45 23.52
CA GLN A 216 5.93 9.86 23.66
C GLN A 216 5.79 10.67 22.37
N GLU A 217 6.28 10.13 21.26
CA GLU A 217 6.21 10.83 19.96
C GLU A 217 4.76 11.11 19.52
N TYR A 218 3.86 10.14 19.81
CA TYR A 218 2.44 10.28 19.47
C TYR A 218 1.78 11.30 20.42
N SER A 219 2.15 11.27 21.69
CA SER A 219 1.59 12.29 22.60
C SER A 219 2.01 13.71 22.15
N ASP A 220 3.26 13.86 21.72
CA ASP A 220 3.76 15.16 21.26
C ASP A 220 2.95 15.67 20.06
N TRP A 221 2.64 14.77 19.13
CA TRP A 221 1.86 15.14 17.95
C TRP A 221 0.49 15.61 18.42
N LYS A 222 -0.13 14.85 19.32
CA LYS A 222 -1.45 15.27 19.78
C LYS A 222 -1.35 16.63 20.48
N GLU A 223 -0.20 16.90 21.07
CA GLU A 223 0.07 18.17 21.76
C GLU A 223 0.55 19.23 20.77
N LYS A 224 0.51 18.90 19.48
CA LYS A 224 0.88 19.81 18.40
C LYS A 224 2.29 20.42 18.42
N LYS A 225 3.24 19.64 18.88
CA LYS A 225 4.63 20.10 18.94
C LYS A 225 5.28 19.85 17.57
N THR A 226 4.87 20.64 16.59
CA THR A 226 5.39 20.46 15.24
C THR A 226 6.79 21.03 15.00
N TYR A 227 7.43 21.51 16.07
CA TYR A 227 8.81 22.00 15.96
C TYR A 227 9.78 20.83 16.11
N LEU A 228 9.24 19.65 16.44
CA LEU A 228 10.08 18.46 16.58
C LEU A 228 10.04 17.66 15.26
N ASN A 229 10.96 16.73 15.09
CA ASN A 229 10.99 15.89 13.89
C ASN A 229 9.91 14.84 14.09
N PRO A 230 9.36 14.31 12.98
CA PRO A 230 9.72 14.67 11.60
C PRO A 230 8.97 15.90 11.08
N TRP A 231 8.01 16.37 11.85
CA TRP A 231 7.18 17.47 11.42
C TRP A 231 7.93 18.72 10.98
N LYS A 232 9.03 19.05 11.68
CA LYS A 232 9.76 20.27 11.33
C LYS A 232 10.42 20.23 9.92
N LYS A 233 10.45 19.05 9.30
CA LYS A 233 11.05 18.91 7.97
C LYS A 233 9.99 19.01 6.87
N ILE A 234 8.74 19.09 7.28
CA ILE A 234 7.64 19.12 6.35
C ILE A 234 7.10 20.52 6.18
N ASP A 235 6.99 20.95 4.92
CA ASP A 235 6.49 22.29 4.64
C ASP A 235 5.10 22.49 5.19
N SER A 236 4.69 23.75 5.36
CA SER A 236 3.38 24.01 5.95
C SER A 236 2.14 23.47 5.20
N ALA A 237 2.17 23.48 3.87
CA ALA A 237 1.03 23.02 3.09
C ALA A 237 0.79 21.51 3.32
N PRO A 238 1.81 20.65 3.09
CA PRO A 238 1.51 19.22 3.34
C PRO A 238 1.29 18.91 4.83
N LEU A 239 1.95 19.67 5.69
CA LEU A 239 1.76 19.46 7.12
C LEU A 239 0.30 19.75 7.50
N ALA A 240 -0.32 20.74 6.84
CA ALA A 240 -1.73 21.05 7.13
C ALA A 240 -2.59 19.86 6.74
N LEU A 241 -2.24 19.19 5.65
CA LEU A 241 -3.00 17.98 5.23
C LEU A 241 -2.80 16.85 6.25
N LEU A 242 -1.55 16.66 6.68
CA LEU A 242 -1.27 15.64 7.70
C LEU A 242 -2.03 15.90 9.02
N HIS A 243 -2.21 17.18 9.37
CA HIS A 243 -2.99 17.51 10.57
C HIS A 243 -4.45 17.03 10.41
N LYS A 244 -4.94 16.99 9.18
CA LYS A 244 -6.33 16.52 8.92
C LYS A 244 -6.43 14.96 8.82
N ILE A 245 -5.35 14.33 8.39
CA ILE A 245 -5.33 12.87 8.27
C ILE A 245 -5.00 12.15 9.56
N LEU A 246 -3.97 12.62 10.27
CA LEU A 246 -3.57 11.90 11.46
C LEU A 246 -4.35 12.41 12.69
N VAL A 247 -5.65 12.24 12.61
CA VAL A 247 -6.57 12.67 13.65
C VAL A 247 -7.01 11.43 14.40
N GLU A 248 -6.93 11.48 15.73
CA GLU A 248 -7.22 10.29 16.52
C GLU A 248 -8.64 9.73 16.37
N ASN A 249 -9.63 10.60 16.37
CA ASN A 249 -11.02 10.15 16.29
C ASN A 249 -11.27 9.83 14.80
N PRO A 250 -11.50 8.55 14.45
CA PRO A 250 -11.74 8.20 13.04
C PRO A 250 -12.98 8.82 12.41
N SER A 251 -13.95 9.21 13.24
CA SER A 251 -15.13 9.87 12.72
C SER A 251 -14.84 11.35 12.35
N ALA A 252 -13.79 11.93 12.91
CA ALA A 252 -13.43 13.32 12.60
C ALA A 252 -12.33 13.37 11.56
N ARG A 253 -11.71 12.23 11.31
CA ARG A 253 -10.59 12.18 10.34
C ARG A 253 -11.10 12.52 8.94
N ILE A 254 -10.25 13.20 8.16
CA ILE A 254 -10.64 13.60 6.81
C ILE A 254 -10.92 12.32 5.97
N THR A 255 -11.86 12.44 5.03
CA THR A 255 -12.18 11.32 4.15
C THR A 255 -11.46 11.59 2.83
N ILE A 256 -11.39 10.60 1.95
CA ILE A 256 -10.71 10.84 0.71
C ILE A 256 -11.36 11.95 -0.15
N PRO A 257 -12.70 11.99 -0.19
CA PRO A 257 -13.29 13.06 -1.01
C PRO A 257 -12.79 14.45 -0.57
N ASP A 258 -12.54 14.62 0.72
CA ASP A 258 -12.06 15.91 1.21
C ASP A 258 -10.54 16.06 1.04
N ILE A 259 -9.80 14.94 1.05
CA ILE A 259 -8.35 15.02 0.79
C ILE A 259 -8.21 15.57 -0.64
N LYS A 260 -9.11 15.14 -1.52
CA LYS A 260 -9.05 15.59 -2.91
C LYS A 260 -9.29 17.09 -3.07
N LYS A 261 -9.80 17.73 -2.04
CA LYS A 261 -10.07 19.17 -2.04
C LYS A 261 -8.99 19.94 -1.30
N ASP A 262 -8.05 19.22 -0.70
CA ASP A 262 -7.00 19.86 0.10
C ASP A 262 -6.10 20.78 -0.73
N ARG A 263 -5.70 21.90 -0.13
CA ARG A 263 -4.84 22.87 -0.82
C ARG A 263 -3.53 22.23 -1.34
N TRP A 264 -2.79 21.53 -0.47
CA TRP A 264 -1.54 20.95 -0.95
C TRP A 264 -1.79 19.91 -2.05
N TYR A 265 -2.83 19.12 -1.84
CA TYR A 265 -3.14 18.07 -2.80
C TYR A 265 -3.32 18.64 -4.22
N ASN A 266 -3.88 19.83 -4.30
CA ASN A 266 -4.13 20.43 -5.62
C ASN A 266 -3.09 21.45 -6.09
N LYS A 267 -2.01 21.59 -5.34
CA LYS A 267 -1.02 22.58 -5.75
C LYS A 267 -0.13 22.07 -6.90
N PRO A 268 0.03 22.86 -7.99
CA PRO A 268 0.90 22.42 -9.12
C PRO A 268 2.35 22.42 -8.60
N LEU A 269 3.03 21.28 -8.67
CA LEU A 269 4.38 21.17 -8.14
C LEU A 269 5.31 20.43 -9.08
N LYS A 270 4.74 19.45 -9.74
CA LYS A 270 5.50 18.54 -10.58
C LYS A 270 5.30 18.61 -12.08
N LYS A 271 6.41 18.80 -12.81
CA LYS A 271 6.37 18.84 -14.28
C LYS A 271 6.12 17.40 -14.77
N GLY A 272 5.54 17.26 -15.95
CA GLY A 272 5.31 15.93 -16.49
C GLY A 272 6.67 15.35 -16.86
N ALA A 273 6.73 14.04 -17.13
CA ALA A 273 8.00 13.41 -17.47
C ALA A 273 8.67 14.12 -18.64
N ALA B 1 15.20 -23.22 -12.94
CA ALA B 1 13.82 -23.08 -12.36
C ALA B 1 12.87 -22.53 -13.41
N SER B 2 11.73 -23.20 -13.61
CA SER B 2 10.72 -22.77 -14.56
C SER B 2 9.29 -23.15 -14.11
N VAL B 3 8.30 -22.58 -14.78
CA VAL B 3 6.90 -22.86 -14.46
C VAL B 3 6.11 -22.79 -15.75
N SER B 4 4.96 -23.44 -15.79
CA SER B 4 4.13 -23.38 -16.99
C SER B 4 2.91 -22.50 -16.69
N ALA B 5 2.31 -21.93 -17.73
CA ALA B 5 1.15 -21.02 -17.61
C ALA B 5 -0.15 -21.75 -17.92
S SO4 C . -11.66 -10.29 8.58
O1 SO4 C . -12.54 -10.06 7.41
O2 SO4 C . -11.47 -9.03 9.32
O3 SO4 C . -10.36 -10.79 8.14
O4 SO4 C . -12.24 -11.32 9.47
O4 STU D . 8.31 -9.10 -2.66
C25 STU D . 9.10 -8.07 -3.17
C24 STU D . 9.11 -6.87 -2.15
C23 STU D . 8.25 -7.19 -0.89
C22 STU D . 6.81 -7.61 -1.31
C21 STU D . 7.03 -8.98 -2.05
C26 STU D . 7.03 -10.11 -0.99
N2 STU D . 5.95 -9.13 -3.11
C18 STU D . 6.22 -8.60 -4.42
C19 STU D . 7.30 -7.97 -4.99
C6 STU D . 7.29 -7.52 -6.37
C7 STU D . 6.06 -7.79 -7.10
C10 STU D . 5.00 -8.41 -6.54
C11 STU D . 5.00 -8.85 -5.18
C12 STU D . 4.06 -9.47 -4.33
C17 STU D . 4.65 -9.65 -3.03
C16 STU D . 3.88 -10.26 -2.01
C15 STU D . 2.58 -10.67 -2.24
C14 STU D . 1.95 -10.50 -3.54
C13 STU D . 2.74 -9.89 -4.56
C9 STU D . 3.87 -8.52 -7.54
N1 STU D . 4.51 -7.88 -8.68
C8 STU D . 5.76 -7.44 -8.51
O5 STU D . 6.47 -6.87 -9.34
C5 STU D . 8.52 -6.91 -6.62
C20 STU D . 9.27 -6.97 -5.40
C1 STU D . 10.58 -6.42 -5.28
C2 STU D . 11.13 -5.82 -6.43
C3 STU D . 10.39 -5.75 -7.67
C4 STU D . 9.11 -6.28 -7.75
N3 STU D . 8.53 -7.59 -4.46
O6 STU D . 6.35 -6.60 -2.27
C27 STU D . 4.96 -6.36 -2.13
N4 STU D . 8.23 -5.88 0.01
C28 STU D . 7.45 -6.16 1.27
#